data_4RQN
#
_entry.id   4RQN
#
_cell.length_a   41.680
_cell.length_b   59.220
_cell.length_c   68.660
_cell.angle_alpha   90.00
_cell.angle_beta   90.00
_cell.angle_gamma   90.00
#
_symmetry.space_group_name_H-M   'P 21 21 21'
#
loop_
_entity.id
_entity.type
_entity.pdbx_description
1 polymer 'Protein bicaudal C homolog 1'
2 non-polymer 'ZINC ION'
3 water water
#
_entity_poly.entity_id   1
_entity_poly.type   'polypeptide(L)'
_entity_poly.pdbx_seq_one_letter_code
;SNSSFKGSDLPELFSKLGLGKYTDVFQQQEIDLQTFLTLTDQDLKELGITTFGAREKMLLAISELNKNRRK
;
_entity_poly.pdbx_strand_id   A,B,C
#
loop_
_chem_comp.id
_chem_comp.type
_chem_comp.name
_chem_comp.formula
ZN non-polymer 'ZINC ION' 'Zn 2'
#
# COMPACT_ATOMS: atom_id res chain seq x y z
N SER A 8 -0.53 -28.07 17.85
CA SER A 8 -1.37 -26.88 17.98
C SER A 8 -0.52 -25.63 18.23
N ASP A 9 0.65 -25.60 17.60
CA ASP A 9 1.65 -24.54 17.80
C ASP A 9 1.96 -23.75 16.53
N LEU A 10 3.02 -22.96 16.58
CA LEU A 10 3.39 -22.09 15.46
C LEU A 10 3.61 -22.86 14.14
N PRO A 11 4.31 -24.03 14.16
CA PRO A 11 4.40 -24.76 12.88
C PRO A 11 3.04 -25.12 12.25
N GLU A 12 2.07 -25.52 13.06
CA GLU A 12 0.75 -25.84 12.54
C GLU A 12 0.04 -24.62 11.98
N LEU A 13 0.07 -23.53 12.74
CA LEU A 13 -0.49 -22.26 12.28
C LEU A 13 0.04 -21.85 10.91
N PHE A 14 1.37 -21.80 10.78
CA PHE A 14 2.00 -21.38 9.53
C PHE A 14 1.59 -22.27 8.35
N SER A 15 1.42 -23.56 8.62
CA SER A 15 1.01 -24.49 7.58
C SER A 15 -0.38 -24.15 7.06
N LYS A 16 -1.23 -23.64 7.95
CA LYS A 16 -2.57 -23.24 7.57
C LYS A 16 -2.57 -21.95 6.76
N LEU A 17 -1.52 -21.14 6.94
CA LEU A 17 -1.46 -19.85 6.26
C LEU A 17 -0.62 -19.88 5.00
N GLY A 18 -0.03 -21.04 4.71
CA GLY A 18 0.87 -21.18 3.57
C GLY A 18 2.17 -20.48 3.83
N LEU A 19 2.59 -20.46 5.09
CA LEU A 19 3.82 -19.77 5.48
C LEU A 19 4.85 -20.76 5.98
N GLY A 20 4.64 -22.02 5.63
CA GLY A 20 5.46 -23.10 6.15
C GLY A 20 6.96 -22.93 5.95
N LYS A 21 7.35 -22.26 4.88
CA LYS A 21 8.77 -22.09 4.63
C LYS A 21 9.40 -21.11 5.60
N TYR A 22 8.58 -20.42 6.40
CA TYR A 22 9.12 -19.45 7.36
C TYR A 22 9.28 -20.03 8.75
N THR A 23 8.81 -21.27 8.95
CA THR A 23 8.80 -21.85 10.29
C THR A 23 10.22 -21.90 10.86
N ASP A 24 11.18 -22.27 10.02
CA ASP A 24 12.56 -22.35 10.46
C ASP A 24 13.17 -20.97 10.78
N VAL A 25 12.70 -19.92 10.13
CA VAL A 25 13.17 -18.56 10.44
C VAL A 25 12.84 -18.24 11.90
N PHE A 26 11.60 -18.51 12.27
CA PHE A 26 11.12 -18.19 13.60
C PHE A 26 11.73 -19.11 14.65
N GLN A 27 11.86 -20.38 14.32
CA GLN A 27 12.46 -21.34 15.24
C GLN A 27 13.92 -20.97 15.50
N GLN A 28 14.64 -20.59 14.45
CA GLN A 28 16.04 -20.21 14.59
C GLN A 28 16.16 -18.91 15.39
N GLN A 29 15.12 -18.10 15.38
CA GLN A 29 15.10 -16.86 16.13
C GLN A 29 14.42 -17.01 17.48
N GLU A 30 14.15 -18.26 17.86
CA GLU A 30 13.54 -18.57 19.15
C GLU A 30 12.22 -17.84 19.36
N ILE A 31 11.39 -17.79 18.32
CA ILE A 31 10.08 -17.19 18.48
C ILE A 31 9.06 -18.30 18.72
N ASP A 32 8.47 -18.29 19.91
CA ASP A 32 7.44 -19.24 20.28
C ASP A 32 6.07 -18.66 19.96
N LEU A 33 5.03 -19.47 20.09
CA LEU A 33 3.69 -19.01 19.70
C LEU A 33 3.28 -17.78 20.48
N GLN A 34 3.51 -17.77 21.79
CA GLN A 34 3.11 -16.62 22.60
C GLN A 34 3.79 -15.34 22.15
N THR A 35 5.09 -15.42 21.84
CA THR A 35 5.82 -14.23 21.42
C THR A 35 5.34 -13.76 20.05
N PHE A 36 5.11 -14.72 19.16
CA PHE A 36 4.60 -14.41 17.82
C PHE A 36 3.32 -13.59 17.89
N LEU A 37 2.45 -13.97 18.81
CA LEU A 37 1.14 -13.33 18.93
C LEU A 37 1.22 -11.93 19.49
N THR A 38 2.40 -11.50 19.91
CA THR A 38 2.54 -10.13 20.39
C THR A 38 3.19 -9.21 19.35
N LEU A 39 3.57 -9.75 18.19
CA LEU A 39 4.38 -9.00 17.23
C LEU A 39 3.59 -7.96 16.44
N THR A 40 4.28 -6.91 16.01
CA THR A 40 3.68 -5.90 15.14
C THR A 40 4.39 -5.91 13.80
N ASP A 41 3.93 -5.07 12.88
CA ASP A 41 4.54 -4.99 11.55
C ASP A 41 6.01 -4.60 11.62
N GLN A 42 6.33 -3.63 12.49
CA GLN A 42 7.71 -3.18 12.64
C GLN A 42 8.62 -4.30 13.13
N ASP A 43 8.12 -5.06 14.10
CA ASP A 43 8.85 -6.19 14.62
C ASP A 43 9.11 -7.21 13.50
N LEU A 44 8.09 -7.48 12.69
CA LEU A 44 8.25 -8.47 11.62
C LEU A 44 9.31 -8.03 10.59
N LYS A 45 9.30 -6.76 10.21
CA LYS A 45 10.33 -6.21 9.34
C LYS A 45 11.71 -6.31 9.98
N GLU A 46 11.79 -5.99 11.26
CA GLU A 46 13.05 -6.05 12.00
C GLU A 46 13.51 -7.49 12.11
N LEU A 47 12.55 -8.41 12.17
CA LEU A 47 12.83 -9.83 12.22
C LEU A 47 13.35 -10.35 10.87
N GLY A 48 13.11 -9.58 9.80
CA GLY A 48 13.63 -9.93 8.49
C GLY A 48 12.62 -10.48 7.49
N ILE A 49 11.34 -10.41 7.83
CA ILE A 49 10.30 -10.84 6.89
C ILE A 49 10.01 -9.72 5.89
N THR A 50 10.77 -9.71 4.80
CA THR A 50 10.70 -8.64 3.82
C THR A 50 9.51 -8.86 2.88
N THR A 51 9.18 -10.13 2.67
CA THR A 51 8.11 -10.50 1.75
C THR A 51 6.82 -9.92 2.28
N PHE A 52 6.25 -9.02 1.49
CA PHE A 52 5.13 -8.27 1.98
C PHE A 52 3.92 -9.15 2.28
N GLY A 53 3.65 -10.10 1.38
CA GLY A 53 2.51 -10.99 1.52
C GLY A 53 2.60 -11.90 2.72
N ALA A 54 3.80 -12.40 3.00
CA ALA A 54 4.01 -13.24 4.18
C ALA A 54 3.73 -12.40 5.41
N ARG A 55 4.21 -11.15 5.41
CA ARG A 55 4.00 -10.27 6.54
C ARG A 55 2.50 -9.96 6.75
N GLU A 56 1.78 -9.70 5.65
CA GLU A 56 0.34 -9.46 5.73
C GLU A 56 -0.45 -10.62 6.29
N LYS A 57 -0.14 -11.83 5.84
CA LYS A 57 -0.80 -13.04 6.35
C LYS A 57 -0.47 -13.24 7.84
N MET A 58 0.79 -13.03 8.23
CA MET A 58 1.14 -13.17 9.66
C MET A 58 0.37 -12.19 10.53
N LEU A 59 0.29 -10.93 10.11
CA LEU A 59 -0.41 -9.91 10.88
C LEU A 59 -1.89 -10.20 11.01
N LEU A 60 -2.46 -10.74 9.96
CA LEU A 60 -3.87 -11.12 9.98
C LEU A 60 -4.07 -12.26 10.99
N ALA A 61 -3.16 -13.22 10.98
CA ALA A 61 -3.24 -14.32 11.94
C ALA A 61 -3.08 -13.80 13.36
N ILE A 62 -2.11 -12.91 13.56
CA ILE A 62 -1.91 -12.33 14.88
C ILE A 62 -3.19 -11.61 15.34
N SER A 63 -3.74 -10.81 14.44
CA SER A 63 -4.97 -10.08 14.70
C SER A 63 -6.10 -11.01 15.14
N GLU A 64 -6.29 -12.08 14.40
CA GLU A 64 -7.36 -13.02 14.69
C GLU A 64 -7.20 -13.75 16.04
N LEU A 65 -5.98 -14.13 16.37
CA LEU A 65 -5.69 -14.86 17.60
C LEU A 65 -5.66 -13.97 18.84
N ASN A 66 -5.68 -12.66 18.63
CA ASN A 66 -5.83 -11.77 19.74
C ASN A 66 -7.29 -11.40 20.01
N LYS A 67 -8.19 -11.79 19.12
CA LYS A 67 -9.63 -11.59 19.32
C LYS A 67 -10.29 -12.86 19.90
N ASN A 68 -11.23 -12.70 20.81
CA ASN A 68 -11.86 -13.86 21.43
C ASN A 68 -12.72 -14.65 20.44
N GLY B 7 -8.58 -19.39 -15.46
CA GLY B 7 -7.99 -18.10 -15.12
C GLY B 7 -8.37 -17.60 -13.72
N SER B 8 -9.26 -16.60 -13.69
CA SER B 8 -9.86 -16.03 -12.46
C SER B 8 -8.89 -15.79 -11.29
N ASP B 9 -7.66 -15.41 -11.61
CA ASP B 9 -6.64 -15.17 -10.60
C ASP B 9 -6.13 -13.74 -10.72
N LEU B 10 -5.10 -13.43 -9.94
CA LEU B 10 -4.57 -12.07 -9.96
C LEU B 10 -4.01 -11.70 -11.37
N PRO B 11 -3.26 -12.61 -12.04
CA PRO B 11 -2.82 -12.27 -13.39
C PRO B 11 -3.92 -11.89 -14.39
N GLU B 12 -5.03 -12.62 -14.42
CA GLU B 12 -6.12 -12.27 -15.35
C GLU B 12 -6.74 -10.93 -14.96
N LEU B 13 -6.99 -10.76 -13.67
CA LEU B 13 -7.48 -9.48 -13.16
C LEU B 13 -6.62 -8.31 -13.64
N PHE B 14 -5.31 -8.41 -13.39
CA PHE B 14 -4.38 -7.35 -13.80
C PHE B 14 -4.40 -7.08 -15.31
N SER B 15 -4.53 -8.14 -16.07
CA SER B 15 -4.59 -8.01 -17.53
C SER B 15 -5.81 -7.22 -17.95
N LYS B 16 -6.89 -7.36 -17.20
CA LYS B 16 -8.13 -6.66 -17.53
C LYS B 16 -8.00 -5.18 -17.25
N LEU B 17 -7.11 -4.82 -16.33
CA LEU B 17 -6.94 -3.42 -15.93
C LEU B 17 -5.74 -2.73 -16.57
N GLY B 18 -4.99 -3.47 -17.39
CA GLY B 18 -3.80 -2.91 -18.00
C GLY B 18 -2.71 -2.76 -16.96
N LEU B 19 -2.67 -3.68 -16.01
CA LEU B 19 -1.68 -3.63 -14.93
C LEU B 19 -0.73 -4.81 -14.98
N GLY B 20 -0.68 -5.46 -16.14
CA GLY B 20 0.10 -6.67 -16.33
C GLY B 20 1.55 -6.48 -15.92
N LYS B 21 2.02 -5.24 -16.04
CA LYS B 21 3.39 -4.91 -15.71
C LYS B 21 3.66 -4.97 -14.21
N TYR B 22 2.60 -5.12 -13.42
CA TYR B 22 2.81 -5.26 -11.97
C TYR B 22 2.54 -6.67 -11.44
N THR B 23 2.06 -7.55 -12.32
CA THR B 23 1.62 -8.87 -11.89
C THR B 23 2.74 -9.63 -11.20
N ASP B 24 3.94 -9.57 -11.77
CA ASP B 24 5.06 -10.30 -11.19
C ASP B 24 5.49 -9.70 -9.85
N VAL B 25 5.25 -8.41 -9.66
CA VAL B 25 5.54 -7.76 -8.38
C VAL B 25 4.77 -8.44 -7.24
N PHE B 26 3.50 -8.70 -7.47
CA PHE B 26 2.65 -9.31 -6.46
C PHE B 26 2.99 -10.76 -6.25
N GLN B 27 3.28 -11.45 -7.34
CA GLN B 27 3.65 -12.86 -7.25
C GLN B 27 4.95 -13.01 -6.48
N GLN B 28 5.95 -12.18 -6.79
CA GLN B 28 7.22 -12.25 -6.10
C GLN B 28 7.10 -11.86 -4.62
N GLN B 29 6.07 -11.07 -4.27
CA GLN B 29 5.86 -10.66 -2.88
C GLN B 29 4.86 -11.57 -2.19
N GLU B 30 4.56 -12.70 -2.82
CA GLU B 30 3.65 -13.71 -2.24
C GLU B 30 2.30 -13.13 -1.91
N ILE B 31 1.78 -12.30 -2.80
CA ILE B 31 0.43 -11.79 -2.63
C ILE B 31 -0.54 -12.58 -3.50
N ASP B 32 -1.44 -13.31 -2.84
CA ASP B 32 -2.45 -14.08 -3.57
C ASP B 32 -3.69 -13.22 -3.73
N LEU B 33 -4.66 -13.69 -4.48
CA LEU B 33 -5.86 -12.89 -4.75
C LEU B 33 -6.58 -12.49 -3.48
N GLN B 34 -6.73 -13.42 -2.53
CA GLN B 34 -7.43 -13.06 -1.31
C GLN B 34 -6.74 -11.92 -0.54
N THR B 35 -5.42 -11.98 -0.45
CA THR B 35 -4.66 -10.95 0.26
C THR B 35 -4.72 -9.60 -0.47
N PHE B 36 -4.64 -9.67 -1.79
CA PHE B 36 -4.75 -8.49 -2.62
C PHE B 36 -6.04 -7.72 -2.36
N LEU B 37 -7.15 -8.44 -2.22
CA LEU B 37 -8.44 -7.81 -2.00
C LEU B 37 -8.55 -7.17 -0.60
N THR B 38 -7.53 -7.32 0.23
CA THR B 38 -7.52 -6.64 1.53
C THR B 38 -6.58 -5.43 1.61
N LEU B 39 -5.84 -5.14 0.54
CA LEU B 39 -4.77 -4.14 0.65
C LEU B 39 -5.33 -2.69 0.68
N THR B 40 -4.57 -1.80 1.32
CA THR B 40 -4.91 -0.38 1.34
C THR B 40 -3.89 0.37 0.48
N ASP B 41 -4.10 1.67 0.30
CA ASP B 41 -3.16 2.49 -0.48
C ASP B 41 -1.76 2.45 0.10
N GLN B 42 -1.69 2.49 1.43
CA GLN B 42 -0.42 2.48 2.11
C GLN B 42 0.32 1.17 1.84
N ASP B 43 -0.39 0.05 1.84
CA ASP B 43 0.23 -1.24 1.51
C ASP B 43 0.77 -1.25 0.09
N LEU B 44 -0.02 -0.71 -0.82
CA LEU B 44 0.33 -0.74 -2.24
C LEU B 44 1.62 0.02 -2.45
N LYS B 45 1.74 1.15 -1.76
CA LYS B 45 2.95 1.94 -1.81
C LYS B 45 4.16 1.17 -1.27
N GLU B 46 4.00 0.51 -0.13
CA GLU B 46 5.12 -0.22 0.46
C GLU B 46 5.57 -1.36 -0.44
N LEU B 47 4.62 -1.91 -1.19
CA LEU B 47 4.87 -2.98 -2.14
C LEU B 47 5.70 -2.54 -3.31
N GLY B 48 5.76 -1.24 -3.52
CA GLY B 48 6.56 -0.68 -4.58
C GLY B 48 5.74 -0.17 -5.75
N ILE B 49 4.43 -0.06 -5.57
CA ILE B 49 3.61 0.53 -6.62
C ILE B 49 3.69 2.05 -6.44
N THR B 50 4.71 2.65 -7.06
CA THR B 50 5.00 4.06 -6.84
C THR B 50 4.08 4.99 -7.64
N THR B 51 3.66 4.53 -8.80
CA THR B 51 2.80 5.31 -9.67
C THR B 51 1.39 5.48 -9.13
N PHE B 52 0.98 6.74 -8.93
CA PHE B 52 -0.32 7.07 -8.36
C PHE B 52 -1.46 6.49 -9.17
N GLY B 53 -1.36 6.60 -10.50
CA GLY B 53 -2.42 6.12 -11.37
C GLY B 53 -2.61 4.61 -11.32
N ALA B 54 -1.52 3.87 -11.16
CA ALA B 54 -1.61 2.43 -11.01
C ALA B 54 -2.27 2.07 -9.69
N ARG B 55 -1.89 2.78 -8.63
CA ARG B 55 -2.48 2.51 -7.33
C ARG B 55 -3.97 2.77 -7.36
N GLU B 56 -4.37 3.87 -8.01
CA GLU B 56 -5.79 4.21 -8.06
C GLU B 56 -6.58 3.11 -8.77
N LYS B 57 -6.04 2.57 -9.85
CA LYS B 57 -6.72 1.49 -10.56
C LYS B 57 -6.88 0.25 -9.69
N MET B 58 -5.83 -0.08 -8.96
CA MET B 58 -5.87 -1.24 -8.08
C MET B 58 -6.89 -1.07 -6.96
N LEU B 59 -6.90 0.11 -6.36
CA LEU B 59 -7.80 0.40 -5.25
C LEU B 59 -9.24 0.31 -5.74
N LEU B 60 -9.43 0.76 -6.98
CA LEU B 60 -10.75 0.69 -7.61
C LEU B 60 -11.21 -0.76 -7.76
N ALA B 61 -10.31 -1.63 -8.19
CA ALA B 61 -10.62 -3.06 -8.33
C ALA B 61 -10.93 -3.69 -6.98
N ILE B 62 -10.11 -3.36 -5.99
CA ILE B 62 -10.27 -3.91 -4.65
C ILE B 62 -11.65 -3.53 -4.10
N SER B 63 -11.98 -2.26 -4.24
CA SER B 63 -13.29 -1.78 -3.83
C SER B 63 -14.43 -2.53 -4.52
N GLU B 64 -14.37 -2.67 -5.84
CA GLU B 64 -15.48 -3.29 -6.54
C GLU B 64 -15.65 -4.79 -6.23
N LEU B 65 -14.55 -5.50 -6.07
CA LEU B 65 -14.56 -6.96 -5.77
C LEU B 65 -14.89 -7.29 -4.30
N ASN B 66 -14.91 -6.27 -3.45
CA ASN B 66 -15.41 -6.43 -2.10
C ASN B 66 -16.91 -6.17 -1.98
N LYS B 67 -17.50 -5.66 -3.07
CA LYS B 67 -18.94 -5.48 -3.16
C LYS B 67 -19.62 -6.62 -3.93
N ASP C 9 2.56 24.23 -15.26
CA ASP C 9 2.47 22.86 -14.76
C ASP C 9 2.66 22.80 -13.24
N LEU C 10 2.71 21.59 -12.71
CA LEU C 10 2.73 21.42 -11.26
C LEU C 10 3.94 22.07 -10.53
N PRO C 11 5.19 21.87 -11.03
CA PRO C 11 6.33 22.52 -10.37
C PRO C 11 6.23 24.04 -10.29
N GLU C 12 5.72 24.66 -11.35
CA GLU C 12 5.54 26.11 -11.36
C GLU C 12 4.52 26.57 -10.31
N LEU C 13 3.35 25.93 -10.29
CA LEU C 13 2.34 26.22 -9.29
C LEU C 13 2.93 26.11 -7.89
N PHE C 14 3.54 24.97 -7.59
CA PHE C 14 4.16 24.77 -6.27
C PHE C 14 5.21 25.84 -5.92
N SER C 15 5.99 26.27 -6.90
CA SER C 15 7.01 27.31 -6.66
C SER C 15 6.38 28.62 -6.25
N LYS C 16 5.23 28.93 -6.83
CA LYS C 16 4.55 30.18 -6.53
C LYS C 16 3.94 30.20 -5.13
N LEU C 17 3.62 29.01 -4.59
CA LEU C 17 2.96 28.94 -3.30
C LEU C 17 3.95 28.62 -2.20
N GLY C 18 5.22 28.51 -2.57
CA GLY C 18 6.25 28.14 -1.62
C GLY C 18 6.17 26.68 -1.24
N LEU C 19 5.74 25.84 -2.18
CA LEU C 19 5.61 24.41 -1.91
C LEU C 19 6.66 23.63 -2.70
N GLY C 20 7.72 24.30 -3.16
CA GLY C 20 8.72 23.67 -4.01
C GLY C 20 9.30 22.39 -3.44
N LYS C 21 9.45 22.32 -2.14
CA LYS C 21 10.06 21.15 -1.53
C LYS C 21 9.18 19.90 -1.55
N TYR C 22 7.90 20.04 -1.93
CA TYR C 22 7.01 18.88 -2.02
C TYR C 22 6.83 18.37 -3.41
N THR C 23 7.38 19.09 -4.38
CA THR C 23 7.18 18.75 -5.77
C THR C 23 7.70 17.37 -6.14
N ASP C 24 8.85 16.98 -5.60
CA ASP C 24 9.46 15.72 -5.97
C ASP C 24 8.58 14.56 -5.51
N VAL C 25 7.79 14.78 -4.47
CA VAL C 25 6.83 13.78 -4.03
C VAL C 25 5.84 13.48 -5.15
N PHE C 26 5.31 14.54 -5.74
CA PHE C 26 4.29 14.36 -6.75
C PHE C 26 4.92 13.83 -8.03
N GLN C 27 6.09 14.35 -8.36
CA GLN C 27 6.80 13.93 -9.57
C GLN C 27 7.18 12.46 -9.56
N GLN C 28 7.71 12.00 -8.43
CA GLN C 28 8.13 10.61 -8.31
C GLN C 28 6.94 9.67 -8.40
N GLN C 29 5.76 10.16 -8.08
CA GLN C 29 4.56 9.34 -8.15
C GLN C 29 3.75 9.57 -9.44
N GLU C 30 4.37 10.25 -10.39
CA GLU C 30 3.78 10.55 -11.69
C GLU C 30 2.47 11.29 -11.57
N ILE C 31 2.40 12.23 -10.64
CA ILE C 31 1.24 13.09 -10.56
C ILE C 31 1.55 14.42 -11.23
N ASP C 32 0.87 14.70 -12.34
CA ASP C 32 0.97 15.98 -13.02
C ASP C 32 -0.16 16.91 -12.58
N LEU C 33 -0.14 18.13 -13.09
CA LEU C 33 -1.14 19.12 -12.71
C LEU C 33 -2.58 18.63 -12.95
N GLN C 34 -2.82 17.97 -14.08
CA GLN C 34 -4.16 17.46 -14.36
C GLN C 34 -4.65 16.53 -13.27
N THR C 35 -3.81 15.59 -12.87
CA THR C 35 -4.18 14.66 -11.82
C THR C 35 -4.28 15.34 -10.46
N PHE C 36 -3.34 16.27 -10.20
CA PHE C 36 -3.34 17.02 -8.95
C PHE C 36 -4.70 17.70 -8.69
N LEU C 37 -5.33 18.26 -9.72
CA LEU C 37 -6.59 18.99 -9.53
C LEU C 37 -7.79 18.14 -9.14
N THR C 38 -7.61 16.83 -9.13
CA THR C 38 -8.66 15.92 -8.74
C THR C 38 -8.46 15.45 -7.29
N LEU C 39 -7.36 15.84 -6.67
CA LEU C 39 -7.03 15.22 -5.38
C LEU C 39 -7.89 15.76 -4.27
N THR C 40 -8.09 14.93 -3.26
CA THR C 40 -8.84 15.30 -2.07
C THR C 40 -7.91 15.30 -0.88
N ASP C 41 -8.43 15.76 0.26
CA ASP C 41 -7.64 15.84 1.49
C ASP C 41 -7.10 14.47 1.88
N GLN C 42 -7.93 13.45 1.72
CA GLN C 42 -7.54 12.10 2.05
C GLN C 42 -6.41 11.61 1.16
N ASP C 43 -6.50 11.91 -0.14
CA ASP C 43 -5.43 11.56 -1.07
C ASP C 43 -4.13 12.23 -0.62
N LEU C 44 -4.22 13.50 -0.26
CA LEU C 44 -3.02 14.23 0.12
C LEU C 44 -2.37 13.64 1.36
N LYS C 45 -3.17 13.28 2.35
CA LYS C 45 -2.67 12.57 3.53
C LYS C 45 -2.03 11.23 3.13
N GLU C 46 -2.69 10.49 2.24
CA GLU C 46 -2.14 9.19 1.82
C GLU C 46 -0.82 9.35 1.07
N LEU C 47 -0.68 10.46 0.35
CA LEU C 47 0.52 10.74 -0.44
C LEU C 47 1.77 11.08 0.39
N GLY C 48 1.58 11.44 1.65
CA GLY C 48 2.71 11.74 2.51
C GLY C 48 2.94 13.21 2.81
N ILE C 49 1.97 14.05 2.46
CA ILE C 49 2.07 15.47 2.79
C ILE C 49 1.69 15.61 4.25
N THR C 50 2.68 15.58 5.13
CA THR C 50 2.42 15.53 6.56
C THR C 50 2.06 16.90 7.13
N THR C 51 2.67 17.96 6.60
CA THR C 51 2.44 19.33 7.07
C THR C 51 1.04 19.89 6.80
N PHE C 52 0.35 20.31 7.86
CA PHE C 52 -1.04 20.77 7.73
C PHE C 52 -1.25 21.96 6.78
N GLY C 53 -0.42 23.00 6.89
CA GLY C 53 -0.54 24.18 6.05
C GLY C 53 -0.26 23.83 4.60
N ALA C 54 0.66 22.87 4.39
CA ALA C 54 0.99 22.40 3.05
C ALA C 54 -0.21 21.73 2.41
N ARG C 55 -0.84 20.82 3.16
CA ARG C 55 -2.01 20.13 2.67
C ARG C 55 -3.15 21.10 2.41
N GLU C 56 -3.38 22.01 3.35
CA GLU C 56 -4.45 22.99 3.17
C GLU C 56 -4.19 23.94 2.00
N LYS C 57 -2.95 24.40 1.85
CA LYS C 57 -2.59 25.27 0.72
C LYS C 57 -2.81 24.56 -0.59
N MET C 58 -2.46 23.29 -0.63
CA MET C 58 -2.70 22.52 -1.82
C MET C 58 -4.18 22.45 -2.12
N LEU C 59 -5.00 22.22 -1.10
CA LEU C 59 -6.43 22.10 -1.32
C LEU C 59 -7.03 23.40 -1.84
N LEU C 60 -6.55 24.51 -1.29
CA LEU C 60 -6.99 25.82 -1.75
C LEU C 60 -6.59 26.10 -3.18
N ALA C 61 -5.38 25.70 -3.54
CA ALA C 61 -4.87 25.90 -4.89
C ALA C 61 -5.75 25.15 -5.89
N ILE C 62 -6.12 23.94 -5.53
CA ILE C 62 -7.00 23.15 -6.39
C ILE C 62 -8.29 23.91 -6.61
N SER C 63 -8.88 24.35 -5.50
CA SER C 63 -10.11 25.15 -5.56
C SER C 63 -9.96 26.41 -6.43
N GLU C 64 -8.88 27.16 -6.24
CA GLU C 64 -8.65 28.41 -7.00
C GLU C 64 -8.42 28.17 -8.49
N LEU C 65 -7.68 27.11 -8.84
CA LEU C 65 -7.43 26.87 -10.24
C LEU C 65 -8.63 26.24 -10.94
N ASN C 66 -9.57 25.71 -10.17
CA ASN C 66 -10.78 25.17 -10.78
C ASN C 66 -11.78 26.30 -10.93
N LYS C 67 -11.49 27.40 -10.25
CA LYS C 67 -12.37 28.55 -10.34
C LYS C 67 -11.93 29.35 -11.54
N ASN C 68 -10.62 29.43 -11.73
CA ASN C 68 -10.10 30.18 -12.86
C ASN C 68 -10.45 29.48 -14.17
N ARG C 69 -10.72 28.17 -14.07
CA ARG C 69 -11.21 27.40 -15.20
C ARG C 69 -12.66 27.76 -15.53
N ARG C 70 -13.35 28.41 -14.60
CA ARG C 70 -14.75 28.81 -14.81
C ARG C 70 -14.84 30.27 -15.17
ZN ZN D . -2.87 -4.21 5.05
#